data_2VOX
#
_entry.id   2VOX
#
_cell.length_a   65.939
_cell.length_b   101.282
_cell.length_c   54.816
_cell.angle_alpha   90.00
_cell.angle_beta   98.32
_cell.angle_gamma   90.00
#
_symmetry.space_group_name_H-M   'C 1 2 1'
#
loop_
_entity.id
_entity.type
_entity.pdbx_description
1 polymer 'SURFACE-ASSOCIATED PROTEIN'
2 non-polymer 'CALCIUM ION'
3 non-polymer 'COPPER (II) ION'
4 non-polymer 'MERCURY (II) ION'
5 water water
#
_entity_poly.entity_id   1
_entity_poly.type   'polypeptide(L)'
_entity_poly.pdbx_seq_one_letter_code
;GLDTLDRDGDGSTADADCNDFAPTIHPGAAEATLDGVDSNCDGRDSGVAEVVETFKNPGTYSSPVINFKIASPPGPGTPI
YGPPRDFSGYNKSYSLAIGKTSYYDPTTGTKWNDDTITPVSDGQDIWRG(KYN)THTGKWSFFNGKAGDKITLSVQRDAQ
EASLKGAHPGFILFWRPEGGPLFWAGTQDLDEGQTALPADSDTVIGHVIVQHADWTLQGLPPKADHTAPAGVDTELYPMK
PDSYTMYYVDSGYDADKYVASKKLIMHPTAFKGLALNDGTAGAFTKSITLPKTGYYMLYVANVLEVDDWSVDADGKLTTT
GEVWEVPAKGCWVNITISKP
;
_entity_poly.pdbx_strand_id   A
#
# COMPACT_ATOMS: atom_id res chain seq x y z
N GLY A 47 -14.53 13.08 4.70
CA GLY A 47 -13.32 12.42 4.06
C GLY A 47 -13.51 11.88 2.64
N VAL A 48 -12.43 11.35 2.05
CA VAL A 48 -11.17 11.04 2.75
C VAL A 48 -10.23 12.25 2.93
N ALA A 49 -9.32 12.14 3.90
CA ALA A 49 -8.24 13.11 4.09
C ALA A 49 -7.45 13.26 2.79
N GLU A 50 -6.71 14.34 2.65
CA GLU A 50 -5.70 14.40 1.59
C GLU A 50 -4.39 14.73 2.26
N VAL A 51 -3.39 13.86 2.07
CA VAL A 51 -2.06 14.12 2.61
C VAL A 51 -1.19 14.68 1.50
N VAL A 52 -0.54 15.84 1.78
CA VAL A 52 0.17 16.60 0.72
C VAL A 52 1.60 16.65 1.14
N GLU A 53 2.45 15.99 0.35
CA GLU A 53 3.86 15.95 0.61
C GLU A 53 4.66 16.97 -0.23
N THR A 54 5.87 17.26 0.23
CA THR A 54 6.71 18.20 -0.45
C THR A 54 7.88 17.42 -0.96
N PHE A 55 8.10 17.42 -2.26
CA PHE A 55 9.20 16.61 -2.83
C PHE A 55 10.57 17.04 -2.35
N LYS A 56 11.45 16.07 -2.16
CA LYS A 56 12.78 16.26 -1.70
C LYS A 56 13.59 15.06 -2.15
N ASN A 57 14.69 15.32 -2.82
CA ASN A 57 15.55 14.24 -3.26
C ASN A 57 16.99 14.58 -2.99
N PRO A 58 17.76 13.74 -2.24
CA PRO A 58 17.37 12.59 -1.43
C PRO A 58 16.34 12.92 -0.40
N GLY A 59 15.50 11.93 -0.05
CA GLY A 59 14.41 12.23 0.88
C GLY A 59 13.38 11.11 0.96
N THR A 60 12.51 11.21 1.97
CA THR A 60 11.39 10.28 2.17
C THR A 60 10.35 10.45 1.07
N TYR A 61 10.06 11.70 0.68
CA TYR A 61 9.12 12.00 -0.37
C TYR A 61 9.81 12.37 -1.69
N SER A 62 10.66 11.43 -2.14
CA SER A 62 11.40 11.55 -3.36
C SER A 62 10.77 10.86 -4.59
N SER A 63 9.47 10.52 -4.52
CA SER A 63 8.86 9.74 -5.62
C SER A 63 9.67 8.51 -6.11
N PRO A 64 9.95 7.58 -5.18
CA PRO A 64 10.76 6.42 -5.53
C PRO A 64 9.98 5.43 -6.41
N VAL A 65 10.74 4.62 -7.08
CA VAL A 65 10.20 3.61 -7.96
C VAL A 65 9.81 2.34 -7.09
N ILE A 66 8.73 1.66 -7.51
CA ILE A 66 8.36 0.35 -6.94
C ILE A 66 8.39 -0.67 -8.07
N ASN A 67 8.49 -1.95 -7.69
CA ASN A 67 8.68 -3.01 -8.67
C ASN A 67 7.55 -4.04 -8.59
N PHE A 68 7.02 -4.44 -9.76
CA PHE A 68 5.83 -5.31 -9.74
C PHE A 68 6.09 -6.82 -9.81
N LYS A 69 7.37 -7.23 -9.86
CA LYS A 69 7.81 -8.60 -9.84
C LYS A 69 8.41 -9.05 -8.51
N ILE A 70 9.00 -8.13 -7.75
CA ILE A 70 9.80 -8.55 -6.59
C ILE A 70 8.80 -9.25 -5.65
N ALA A 71 9.17 -10.44 -5.24
CA ALA A 71 8.30 -11.25 -4.38
C ALA A 71 8.96 -11.67 -3.05
N SER A 72 10.30 -11.74 -2.99
CA SER A 72 11.05 -12.11 -1.76
C SER A 72 10.79 -11.16 -0.61
N PRO A 73 10.95 -11.63 0.65
CA PRO A 73 10.65 -10.78 1.82
C PRO A 73 11.68 -9.67 1.99
N PRO A 74 11.32 -8.68 2.84
CA PRO A 74 12.15 -7.57 3.33
C PRO A 74 13.46 -8.11 3.88
N GLY A 75 14.41 -8.25 2.98
CA GLY A 75 15.77 -8.69 3.29
C GLY A 75 16.59 -7.78 2.40
N PRO A 76 17.46 -8.37 1.53
CA PRO A 76 18.44 -8.86 0.56
C PRO A 76 19.83 -9.31 1.11
N GLY A 77 19.92 -10.59 1.49
CA GLY A 77 18.81 -11.55 1.30
C GLY A 77 18.88 -12.43 0.06
N THR A 78 19.33 -11.84 -1.07
CA THR A 78 19.22 -12.39 -2.47
C THR A 78 17.76 -12.32 -3.00
N PRO A 79 17.49 -11.36 -3.92
CA PRO A 79 16.19 -11.11 -4.61
C PRO A 79 15.49 -12.32 -5.23
N ILE A 80 14.18 -12.46 -5.00
CA ILE A 80 13.32 -13.32 -5.79
C ILE A 80 12.29 -12.55 -6.64
N TYR A 81 12.39 -12.70 -7.95
CA TYR A 81 11.46 -12.03 -8.89
C TYR A 81 10.53 -13.02 -9.50
N GLY A 82 9.26 -12.70 -9.54
CA GLY A 82 8.33 -13.61 -10.18
C GLY A 82 7.78 -12.88 -11.36
N PRO A 83 6.61 -13.27 -11.82
CA PRO A 83 5.97 -12.53 -12.93
C PRO A 83 5.43 -11.18 -12.43
N PRO A 84 5.30 -10.20 -13.34
CA PRO A 84 4.71 -8.92 -12.95
C PRO A 84 3.27 -9.10 -12.44
N ARG A 85 2.91 -8.44 -11.33
CA ARG A 85 1.61 -8.67 -10.80
C ARG A 85 0.62 -7.77 -11.47
N ASP A 86 0.21 -8.19 -12.67
CA ASP A 86 -0.84 -7.54 -13.41
C ASP A 86 -2.09 -8.37 -13.25
N PHE A 87 -3.08 -7.80 -12.60
CA PHE A 87 -4.39 -8.42 -12.47
C PHE A 87 -5.42 -8.01 -13.57
N SER A 88 -4.99 -7.31 -14.61
CA SER A 88 -5.89 -6.94 -15.73
C SER A 88 -6.53 -8.22 -16.24
N GLY A 89 -7.84 -8.16 -16.38
CA GLY A 89 -8.60 -9.31 -16.92
C GLY A 89 -9.22 -10.05 -15.73
N TYR A 90 -8.56 -9.92 -14.56
CA TYR A 90 -9.01 -10.52 -13.29
C TYR A 90 -8.92 -12.06 -13.32
N ASN A 91 -9.31 -12.68 -12.20
CA ASN A 91 -9.16 -14.10 -12.01
C ASN A 91 -7.77 -14.44 -12.14
N LYS A 92 -6.93 -13.56 -11.58
CA LYS A 92 -5.49 -13.75 -11.54
C LYS A 92 -5.05 -13.84 -10.09
N SER A 93 -3.90 -14.44 -9.82
CA SER A 93 -3.57 -14.60 -8.44
C SER A 93 -2.08 -14.69 -8.40
N TYR A 94 -1.46 -14.04 -7.43
CA TYR A 94 -0.01 -13.98 -7.30
C TYR A 94 0.43 -14.15 -5.81
N SER A 95 1.59 -14.73 -5.54
CA SER A 95 2.08 -14.97 -4.20
C SER A 95 3.39 -14.19 -3.97
N LEU A 96 3.56 -13.66 -2.75
CA LEU A 96 4.71 -12.85 -2.46
C LEU A 96 4.80 -12.68 -0.92
N ALA A 97 5.92 -12.16 -0.47
CA ALA A 97 6.14 -11.95 0.96
C ALA A 97 5.99 -10.48 1.38
N ILE A 98 5.47 -10.29 2.59
CA ILE A 98 5.11 -8.99 3.14
C ILE A 98 5.82 -8.83 4.52
N GLY A 99 6.34 -7.64 4.80
CA GLY A 99 7.07 -7.44 6.08
C GLY A 99 6.17 -7.47 7.30
N LYS A 100 6.70 -7.94 8.43
CA LYS A 100 5.99 -8.06 9.72
C LYS A 100 5.00 -6.93 10.10
N THR A 101 5.46 -5.67 10.07
CA THR A 101 4.59 -4.55 10.48
C THR A 101 4.27 -3.58 9.36
N SER A 102 4.54 -4.02 8.11
CA SER A 102 4.56 -3.13 6.95
C SER A 102 3.39 -2.26 6.80
N TYR A 103 2.22 -2.76 7.09
CA TYR A 103 1.01 -1.97 6.86
C TYR A 103 0.73 -0.80 7.78
N TYR A 104 1.13 -0.97 9.06
CA TYR A 104 0.84 -0.01 10.13
C TYR A 104 2.07 -0.14 10.92
N ASP A 105 3.04 0.73 10.61
CA ASP A 105 4.46 0.35 10.81
C ASP A 105 5.18 1.46 11.65
N PRO A 106 5.21 1.25 12.97
CA PRO A 106 5.92 2.18 13.85
C PRO A 106 7.37 2.28 13.52
N THR A 107 7.93 1.28 12.83
CA THR A 107 9.35 1.36 12.47
C THR A 107 9.61 2.43 11.39
N THR A 108 8.55 3.02 10.83
CA THR A 108 8.71 4.08 9.85
C THR A 108 9.14 5.38 10.55
N GLY A 109 9.02 5.42 11.89
CA GLY A 109 9.14 6.70 12.61
C GLY A 109 8.23 7.81 12.09
N THR A 110 7.18 7.48 11.34
CA THR A 110 6.32 8.50 10.77
C THR A 110 4.86 8.27 10.98
N LYS A 111 4.18 9.32 11.46
CA LYS A 111 2.73 9.31 11.63
C LYS A 111 2.11 10.43 10.85
N TRP A 112 0.85 10.25 10.49
CA TRP A 112 0.08 11.29 9.87
C TRP A 112 -1.15 11.46 10.74
N ASN A 113 -2.01 12.41 10.41
CA ASN A 113 -3.26 12.51 11.13
C ASN A 113 -4.33 12.75 10.10
N ASP A 114 -5.53 12.27 10.40
CA ASP A 114 -6.68 12.32 9.51
C ASP A 114 -7.73 13.31 10.06
N ASP A 115 -7.80 14.45 9.39
CA ASP A 115 -8.49 15.63 9.93
C ASP A 115 -9.94 15.58 9.52
N THR A 116 -10.37 14.44 8.98
CA THR A 116 -11.77 14.27 8.55
C THR A 116 -12.59 13.41 9.53
N ILE A 117 -11.97 13.07 10.66
CA ILE A 117 -12.61 12.29 11.70
C ILE A 117 -13.08 13.21 12.83
N THR A 118 -14.31 12.98 13.30
CA THR A 118 -14.88 13.67 14.47
C THR A 118 -15.08 12.67 15.62
N PRO A 119 -14.43 12.89 16.79
CA PRO A 119 -13.48 13.93 17.18
C PRO A 119 -12.08 13.77 16.56
N VAL A 120 -11.48 14.89 16.19
CA VAL A 120 -10.12 14.93 15.63
C VAL A 120 -9.08 14.20 16.46
N SER A 121 -9.33 14.10 17.77
CA SER A 121 -8.49 13.31 18.68
C SER A 121 -8.35 11.88 18.18
N ASP A 122 -9.48 11.37 17.67
CA ASP A 122 -9.63 10.00 17.15
C ASP A 122 -8.84 9.71 15.85
N GLY A 123 -8.34 10.77 15.22
CA GLY A 123 -7.66 10.71 13.93
C GLY A 123 -6.16 11.01 13.94
N GLN A 124 -5.53 10.96 15.12
CA GLN A 124 -4.16 11.41 15.27
C GLN A 124 -3.12 10.35 15.51
N ASP A 125 -1.88 10.73 15.28
CA ASP A 125 -0.76 9.82 15.36
C ASP A 125 -1.13 8.46 14.73
N ILE A 126 -1.60 8.50 13.49
CA ILE A 126 -1.77 7.30 12.67
C ILE A 126 -0.40 6.89 12.13
N TRP A 127 0.15 5.76 12.57
CA TRP A 127 1.40 5.27 11.98
C TRP A 127 1.23 4.97 10.47
N ARG A 128 2.23 5.38 9.70
CA ARG A 128 2.27 5.11 8.25
C ARG A 128 2.64 3.64 8.00
N GLY A 129 2.31 3.12 6.79
CA GLY A 129 2.94 1.89 6.31
C GLY A 129 4.28 2.11 5.62
N THR A 131 6.34 1.65 2.38
CA THR A 131 6.19 1.44 0.93
C THR A 131 6.85 0.22 0.36
N HIS A 132 8.05 -0.08 0.84
CA HIS A 132 8.87 -1.08 0.22
C HIS A 132 8.90 -2.43 0.95
N THR A 133 8.44 -2.50 2.20
CA THR A 133 8.19 -3.83 2.77
C THR A 133 6.79 -4.42 2.52
N GLY A 134 5.85 -3.58 2.10
CA GLY A 134 4.62 -3.97 1.37
C GLY A 134 5.04 -4.38 -0.06
N LYS A 135 4.09 -4.86 -0.85
CA LYS A 135 4.34 -5.29 -2.24
C LYS A 135 3.33 -4.66 -3.12
N TRP A 136 3.76 -4.31 -4.33
CA TRP A 136 2.90 -3.54 -5.21
C TRP A 136 2.40 -4.35 -6.41
N SER A 137 1.20 -4.09 -6.87
CA SER A 137 0.65 -4.77 -8.04
C SER A 137 -0.13 -3.72 -8.83
N PHE A 138 -0.60 -4.05 -10.03
CA PHE A 138 -1.50 -3.11 -10.70
C PHE A 138 -2.56 -3.78 -11.51
N PHE A 139 -3.58 -3.03 -11.95
CA PHE A 139 -4.36 -3.60 -13.03
C PHE A 139 -4.96 -2.49 -13.87
N ASN A 140 -5.40 -2.84 -15.07
CA ASN A 140 -6.31 -1.99 -15.85
C ASN A 140 -7.77 -2.46 -15.77
N GLY A 141 -8.73 -1.55 -15.71
CA GLY A 141 -10.11 -1.92 -15.46
C GLY A 141 -11.09 -0.88 -16.02
N LYS A 142 -12.38 -1.06 -15.76
CA LYS A 142 -13.43 -0.19 -16.31
C LYS A 142 -14.33 0.32 -15.22
N ALA A 143 -14.83 1.55 -15.38
CA ALA A 143 -15.81 2.11 -14.45
C ALA A 143 -16.89 1.05 -14.29
N GLY A 144 -17.37 0.87 -13.07
CA GLY A 144 -18.40 -0.11 -12.75
C GLY A 144 -17.96 -1.57 -12.63
N ASP A 145 -16.74 -1.93 -13.07
CA ASP A 145 -16.22 -3.30 -12.83
C ASP A 145 -16.36 -3.75 -11.38
N LYS A 146 -17.12 -4.84 -11.16
CA LYS A 146 -17.36 -5.44 -9.83
C LYS A 146 -16.42 -6.62 -9.60
N ILE A 147 -15.50 -6.43 -8.65
CA ILE A 147 -14.43 -7.38 -8.44
C ILE A 147 -14.30 -7.72 -6.96
N THR A 148 -13.55 -8.76 -6.66
CA THR A 148 -13.36 -9.21 -5.31
C THR A 148 -11.89 -9.42 -5.07
N LEU A 149 -11.33 -8.74 -4.08
CA LEU A 149 -9.94 -8.89 -3.67
C LEU A 149 -9.87 -9.76 -2.44
N SER A 150 -8.93 -10.69 -2.45
CA SER A 150 -8.75 -11.66 -1.39
C SER A 150 -7.26 -11.71 -1.18
N VAL A 151 -6.83 -11.54 0.06
CA VAL A 151 -5.43 -11.89 0.39
C VAL A 151 -5.49 -12.91 1.54
N GLN A 152 -4.66 -13.97 1.49
CA GLN A 152 -4.72 -15.01 2.51
C GLN A 152 -3.35 -15.59 2.54
N ARG A 153 -3.03 -16.39 3.55
CA ARG A 153 -1.76 -17.05 3.65
C ARG A 153 -1.61 -17.98 2.49
N ASP A 154 -0.38 -18.08 2.02
CA ASP A 154 -0.07 -18.85 0.87
C ASP A 154 -0.26 -20.34 1.18
N ALA A 155 -0.76 -21.08 0.19
CA ALA A 155 -1.03 -22.52 0.31
C ALA A 155 0.04 -23.23 1.17
N GLN A 156 1.30 -22.91 0.90
CA GLN A 156 2.45 -23.55 1.54
C GLN A 156 2.79 -23.01 2.97
N GLU A 157 2.09 -21.97 3.44
CA GLU A 157 2.22 -21.44 4.81
C GLU A 157 0.88 -21.54 5.55
N ALA A 158 0.01 -22.43 5.07
CA ALA A 158 -1.41 -22.42 5.43
C ALA A 158 -1.71 -22.46 6.95
N SER A 159 -0.76 -23.00 7.73
CA SER A 159 -0.94 -23.22 9.18
C SER A 159 0.02 -22.44 10.12
N LEU A 160 0.87 -21.59 9.53
CA LEU A 160 1.79 -20.70 10.27
C LEU A 160 1.11 -19.38 10.55
N LYS A 161 1.11 -18.97 11.83
CA LYS A 161 0.29 -17.83 12.21
C LYS A 161 1.17 -16.55 12.19
N GLY A 162 0.58 -15.46 11.70
CA GLY A 162 1.36 -14.24 11.52
C GLY A 162 0.69 -13.15 10.69
N ALA A 163 0.07 -13.55 9.58
CA ALA A 163 -0.29 -12.69 8.51
C ALA A 163 -1.59 -12.19 9.05
N HIS A 164 -1.80 -10.90 8.89
CA HIS A 164 -3.06 -10.21 9.00
C HIS A 164 -2.96 -9.23 7.85
N PRO A 165 -3.20 -9.73 6.65
CA PRO A 165 -2.94 -8.79 5.47
C PRO A 165 -3.82 -7.59 5.41
N GLY A 166 -3.31 -6.45 4.89
CA GLY A 166 -4.22 -5.40 4.53
C GLY A 166 -3.80 -4.83 3.17
N PHE A 167 -4.60 -3.96 2.64
CA PHE A 167 -4.29 -3.34 1.32
C PHE A 167 -4.64 -1.85 1.21
N ILE A 168 -4.09 -1.14 0.20
CA ILE A 168 -4.64 0.13 -0.27
C ILE A 168 -4.76 0.07 -1.82
N LEU A 169 -5.87 0.56 -2.36
CA LEU A 169 -6.01 0.62 -3.79
C LEU A 169 -6.07 2.08 -4.23
N PHE A 170 -5.21 2.43 -5.17
CA PHE A 170 -5.20 3.78 -5.75
C PHE A 170 -5.56 3.79 -7.22
N TRP A 171 -6.13 4.91 -7.64
CA TRP A 171 -6.36 5.21 -9.06
C TRP A 171 -5.32 6.25 -9.56
N ARG A 172 -4.72 6.00 -10.72
CA ARG A 172 -3.72 6.88 -11.28
C ARG A 172 -4.35 7.39 -12.59
N PRO A 173 -4.94 8.63 -12.59
CA PRO A 173 -5.63 9.24 -13.78
C PRO A 173 -4.76 9.45 -14.99
N GLU A 174 -3.44 9.44 -14.86
CA GLU A 174 -2.47 9.46 -15.95
C GLU A 174 -2.54 8.25 -16.85
N GLY A 175 -3.10 7.15 -16.34
CA GLY A 175 -3.50 6.03 -17.21
C GLY A 175 -2.49 4.95 -17.39
N GLY A 176 -1.45 4.98 -16.59
CA GLY A 176 -0.35 4.06 -16.88
C GLY A 176 0.78 4.49 -16.00
N PRO A 177 1.90 3.75 -16.05
CA PRO A 177 3.04 4.16 -15.28
C PRO A 177 3.50 5.59 -15.53
N LEU A 178 3.95 6.25 -14.46
CA LEU A 178 4.38 7.64 -14.51
C LEU A 178 5.86 7.74 -14.38
N PHE A 179 6.53 8.09 -15.48
CA PHE A 179 7.93 8.48 -15.48
C PHE A 179 8.02 9.96 -15.08
N TRP A 180 8.96 10.30 -14.19
CA TRP A 180 9.15 11.70 -13.78
C TRP A 180 10.63 11.95 -13.53
N ALA A 181 11.33 12.56 -14.52
CA ALA A 181 12.78 12.70 -14.40
C ALA A 181 13.17 13.64 -13.21
N GLY A 182 14.28 13.31 -12.57
CA GLY A 182 14.71 14.00 -11.37
C GLY A 182 14.18 13.50 -10.00
N THR A 183 13.38 12.42 -10.01
CA THR A 183 12.86 11.82 -8.80
C THR A 183 13.94 10.84 -8.41
N GLN A 184 13.77 10.18 -7.26
CA GLN A 184 14.92 9.41 -6.70
C GLN A 184 15.66 8.44 -7.63
N ASP A 185 14.92 7.66 -8.40
CA ASP A 185 15.57 6.54 -9.09
C ASP A 185 15.54 6.86 -10.58
N LEU A 186 15.29 8.12 -10.91
CA LEU A 186 15.19 8.59 -12.31
C LEU A 186 15.94 9.90 -12.57
N ASP A 187 17.05 10.04 -11.87
CA ASP A 187 17.79 11.27 -11.80
C ASP A 187 19.20 11.04 -12.34
N GLU A 188 19.30 10.08 -13.23
CA GLU A 188 20.61 9.76 -13.78
C GLU A 188 20.59 9.75 -15.32
N GLY A 189 19.71 10.51 -15.93
CA GLY A 189 19.67 10.54 -17.37
C GLY A 189 18.62 9.64 -18.01
N GLN A 190 17.85 8.92 -17.17
CA GLN A 190 16.88 7.94 -17.67
C GLN A 190 15.85 8.71 -18.44
N THR A 191 15.42 8.14 -19.56
CA THR A 191 14.28 8.65 -20.33
C THR A 191 12.99 7.83 -20.14
N ALA A 192 13.12 6.70 -19.46
CA ALA A 192 11.98 5.86 -19.18
C ALA A 192 12.15 5.13 -17.84
N LEU A 193 11.01 4.63 -17.31
CA LEU A 193 10.99 3.73 -16.11
C LEU A 193 11.71 2.43 -16.41
N PRO A 194 12.36 1.81 -15.38
CA PRO A 194 12.82 0.48 -15.64
C PRO A 194 11.60 -0.44 -15.84
N ALA A 195 11.85 -1.59 -16.44
CA ALA A 195 10.80 -2.52 -16.81
C ALA A 195 10.08 -2.92 -15.53
N ASP A 196 8.77 -2.95 -15.61
CA ASP A 196 7.94 -3.60 -14.54
C ASP A 196 7.95 -2.77 -13.27
N SER A 197 7.95 -1.42 -13.43
CA SER A 197 8.21 -0.48 -12.34
C SER A 197 7.30 0.74 -12.57
N ASP A 198 7.19 1.55 -11.54
CA ASP A 198 6.31 2.69 -11.54
C ASP A 198 6.71 3.47 -10.31
N THR A 199 6.29 4.74 -10.33
CA THR A 199 6.59 5.70 -9.27
C THR A 199 5.51 5.73 -8.27
N VAL A 200 5.91 5.92 -7.01
CA VAL A 200 4.94 6.27 -5.99
C VAL A 200 5.52 7.47 -5.21
N ILE A 201 4.71 8.17 -4.43
CA ILE A 201 5.11 9.43 -3.81
C ILE A 201 6.27 9.37 -2.86
N GLY A 202 6.36 8.30 -2.08
CA GLY A 202 7.25 8.33 -0.94
C GLY A 202 7.49 6.97 -0.33
N HIS A 203 8.43 6.94 0.62
CA HIS A 203 8.85 5.70 1.23
C HIS A 203 7.95 5.27 2.39
N VAL A 204 6.97 6.10 2.80
CA VAL A 204 6.18 5.72 3.96
C VAL A 204 4.82 6.24 3.57
N ILE A 205 3.77 5.41 3.69
CA ILE A 205 2.55 5.61 2.96
C ILE A 205 1.35 5.80 3.86
N VAL A 206 0.34 6.55 3.39
CA VAL A 206 -0.89 6.73 4.09
C VAL A 206 -2.02 5.80 3.53
N GLN A 207 -2.87 5.30 4.44
CA GLN A 207 -3.65 4.07 4.18
C GLN A 207 -5.11 4.46 4.07
N HIS A 208 -5.40 5.71 4.41
CA HIS A 208 -6.78 6.16 4.32
C HIS A 208 -6.89 7.63 3.87
N ALA A 209 -6.19 7.92 2.76
CA ALA A 209 -6.12 9.30 2.23
C ALA A 209 -5.74 9.33 0.75
N ASP A 210 -6.37 10.24 0.00
CA ASP A 210 -5.74 10.78 -1.24
C ASP A 210 -4.30 11.20 -0.95
N TRP A 211 -3.36 10.92 -1.85
CA TRP A 211 -1.96 11.19 -1.54
C TRP A 211 -1.41 12.08 -2.66
N THR A 212 -0.93 13.28 -2.32
CA THR A 212 -0.44 14.29 -3.33
C THR A 212 1.07 14.61 -3.10
N LEU A 213 1.83 14.74 -4.17
CA LEU A 213 3.19 15.15 -4.04
C LEU A 213 3.31 16.48 -4.78
N GLN A 214 3.88 17.48 -4.14
CA GLN A 214 4.05 18.81 -4.78
C GLN A 214 5.55 19.23 -4.76
N GLY A 215 5.94 20.22 -5.59
CA GLY A 215 7.35 20.59 -5.65
C GLY A 215 8.25 19.72 -6.48
N LEU A 216 7.67 18.95 -7.41
CA LEU A 216 8.48 18.08 -8.26
C LEU A 216 9.23 18.93 -9.32
N PRO A 217 10.32 18.41 -9.84
CA PRO A 217 11.02 19.04 -10.94
C PRO A 217 10.02 19.28 -12.07
N PRO A 218 9.91 20.56 -12.54
CA PRO A 218 8.89 20.92 -13.56
C PRO A 218 8.86 19.93 -14.74
N LYS A 219 7.66 19.61 -15.20
CA LYS A 219 7.47 18.53 -16.20
C LYS A 219 6.44 19.02 -17.15
N ALA A 220 6.84 19.08 -18.42
CA ALA A 220 5.95 19.64 -19.47
C ALA A 220 4.92 18.63 -20.07
N ASP A 221 5.29 17.33 -20.01
CA ASP A 221 4.41 16.20 -20.44
C ASP A 221 3.74 15.37 -19.29
N HIS A 222 3.21 16.04 -18.25
CA HIS A 222 2.38 15.39 -17.25
C HIS A 222 0.95 15.45 -17.75
N THR A 223 0.58 14.37 -18.44
CA THR A 223 -0.73 14.29 -19.08
C THR A 223 -1.59 13.13 -18.54
N ALA A 224 -2.90 13.24 -18.81
CA ALA A 224 -3.90 12.18 -18.67
C ALA A 224 -4.53 11.89 -20.07
N PRO A 225 -5.16 10.71 -20.25
CA PRO A 225 -5.95 10.48 -21.50
C PRO A 225 -7.20 11.39 -21.65
N ALA A 226 -7.73 11.40 -22.88
CA ALA A 226 -8.87 12.26 -23.28
C ALA A 226 -10.05 12.31 -22.31
N GLY A 227 -10.52 11.15 -21.84
CA GLY A 227 -11.66 11.05 -20.91
C GLY A 227 -11.56 11.75 -19.55
N VAL A 228 -10.34 11.85 -19.02
CA VAL A 228 -10.12 12.39 -17.68
C VAL A 228 -10.56 13.87 -17.54
N ASP A 229 -11.47 14.12 -16.59
CA ASP A 229 -11.93 15.47 -16.20
C ASP A 229 -10.78 16.22 -15.50
N THR A 230 -9.97 16.95 -16.26
CA THR A 230 -8.79 17.62 -15.68
C THR A 230 -9.08 18.85 -14.77
N GLU A 231 -10.36 19.11 -14.51
CA GLU A 231 -10.78 20.09 -13.51
C GLU A 231 -10.88 19.39 -12.14
N LEU A 232 -11.40 18.16 -12.15
CA LEU A 232 -11.46 17.33 -10.95
C LEU A 232 -10.11 16.67 -10.64
N TYR A 233 -9.42 16.24 -11.70
CA TYR A 233 -8.12 15.53 -11.63
C TYR A 233 -7.10 16.29 -12.44
N PRO A 234 -6.58 17.38 -11.85
CA PRO A 234 -5.66 18.30 -12.53
C PRO A 234 -4.34 17.62 -12.86
N MET A 235 -3.74 17.98 -13.98
CA MET A 235 -2.42 17.49 -14.38
C MET A 235 -1.36 18.61 -14.27
N LYS A 236 -0.81 18.78 -13.08
CA LYS A 236 0.14 19.87 -12.79
C LYS A 236 1.56 19.64 -13.25
N PRO A 237 2.27 20.76 -13.60
CA PRO A 237 3.66 20.66 -13.96
C PRO A 237 4.57 20.19 -12.80
N ASP A 238 4.10 20.32 -11.56
CA ASP A 238 5.00 20.17 -10.42
C ASP A 238 4.41 19.27 -9.30
N SER A 239 3.38 18.52 -9.65
CA SER A 239 2.59 17.73 -8.69
C SER A 239 1.94 16.54 -9.36
N TYR A 240 1.75 15.45 -8.59
CA TYR A 240 0.80 14.38 -9.01
C TYR A 240 0.08 13.83 -7.78
N THR A 241 -1.13 13.27 -7.98
CA THR A 241 -1.91 12.68 -6.90
C THR A 241 -2.20 11.18 -7.15
N MET A 242 -2.02 10.36 -6.11
CA MET A 242 -2.60 8.98 -6.04
C MET A 242 -3.96 9.07 -5.34
N TYR A 243 -5.03 8.89 -6.12
CA TYR A 243 -6.41 8.99 -5.59
C TYR A 243 -6.81 7.71 -4.90
N TYR A 244 -7.26 7.84 -3.67
CA TYR A 244 -7.67 6.72 -2.84
C TYR A 244 -8.89 6.05 -3.46
N VAL A 245 -8.85 4.71 -3.53
CA VAL A 245 -10.06 3.97 -3.92
C VAL A 245 -10.71 3.23 -2.72
N ASP A 246 -9.90 2.44 -2.03
CA ASP A 246 -10.39 1.61 -0.92
C ASP A 246 -9.19 1.12 -0.20
N SER A 247 -9.39 0.56 1.00
CA SER A 247 -8.33 0.00 1.84
C SER A 247 -9.03 -0.85 2.90
N GLY A 248 -8.33 -1.79 3.51
CA GLY A 248 -8.93 -2.61 4.58
C GLY A 248 -7.84 -3.48 5.09
N TYR A 249 -8.08 -4.10 6.27
CA TYR A 249 -7.12 -5.05 6.73
C TYR A 249 -7.84 -6.19 7.50
N ASP A 250 -7.17 -7.32 7.61
CA ASP A 250 -7.70 -8.48 8.28
C ASP A 250 -7.64 -8.16 9.80
N ALA A 251 -8.80 -8.00 10.43
CA ALA A 251 -8.88 -7.71 11.89
C ALA A 251 -9.15 -8.91 12.84
N ASP A 252 -9.15 -10.13 12.30
CA ASP A 252 -9.48 -11.35 13.04
C ASP A 252 -8.22 -11.81 13.70
N LYS A 253 -8.17 -11.82 15.05
CA LYS A 253 -6.91 -12.21 15.73
C LYS A 253 -6.71 -13.69 15.81
N TYR A 254 -5.49 -14.17 15.86
CA TYR A 254 -5.27 -15.53 16.17
C TYR A 254 -5.61 -15.86 17.67
N VAL A 255 -5.32 -14.90 18.57
CA VAL A 255 -5.50 -15.08 20.02
C VAL A 255 -6.32 -13.92 20.51
N ALA A 256 -7.52 -14.21 21.02
CA ALA A 256 -8.45 -13.18 21.40
C ALA A 256 -7.91 -12.28 22.55
N SER A 257 -6.94 -12.77 23.34
CA SER A 257 -6.42 -11.95 24.47
C SER A 257 -5.47 -10.87 23.96
N LYS A 258 -4.90 -11.12 22.77
CA LYS A 258 -3.87 -10.28 22.19
C LYS A 258 -4.44 -9.03 21.54
N LYS A 259 -3.58 -8.18 20.94
CA LYS A 259 -4.06 -6.94 20.26
C LYS A 259 -3.29 -6.75 18.93
N LEU A 260 -3.85 -5.99 18.03
CA LEU A 260 -3.11 -5.72 16.77
C LEU A 260 -2.34 -4.40 16.89
N ILE A 261 -1.05 -4.36 16.49
CA ILE A 261 -0.36 -3.06 16.22
C ILE A 261 -1.15 -2.30 15.15
N MET A 262 -2.08 -1.49 15.64
CA MET A 262 -3.08 -0.86 14.83
C MET A 262 -3.65 0.30 15.66
N HIS A 263 -4.14 1.34 14.98
CA HIS A 263 -4.64 2.53 15.65
C HIS A 263 -5.98 2.23 16.35
N PRO A 264 -6.17 2.76 17.58
CA PRO A 264 -7.41 2.61 18.38
C PRO A 264 -8.70 2.99 17.64
N THR A 265 -8.66 4.04 16.83
CA THR A 265 -9.93 4.58 16.32
C THR A 265 -9.94 5.01 14.84
N ALA A 266 -8.80 5.45 14.31
CA ALA A 266 -8.82 6.13 13.00
C ALA A 266 -9.25 5.22 11.84
N PHE A 267 -8.94 3.92 11.95
CA PHE A 267 -9.21 2.95 10.89
C PHE A 267 -10.43 2.05 11.16
N LYS A 268 -11.40 2.57 11.89
CA LYS A 268 -12.58 1.77 12.24
C LYS A 268 -13.37 1.27 11.03
N GLY A 269 -13.61 2.16 10.06
CA GLY A 269 -14.16 1.77 8.77
C GLY A 269 -13.39 0.73 7.95
N LEU A 270 -12.09 0.59 8.22
CA LEU A 270 -11.26 -0.33 7.44
C LEU A 270 -11.12 -1.76 7.99
N ALA A 271 -11.47 -2.00 9.26
CA ALA A 271 -11.41 -3.32 9.87
C ALA A 271 -12.25 -4.32 9.05
N LEU A 272 -11.70 -5.49 8.76
CA LEU A 272 -12.46 -6.51 8.05
C LEU A 272 -12.45 -7.70 8.96
N ASN A 273 -13.66 -8.10 9.36
CA ASN A 273 -13.91 -9.28 10.23
C ASN A 273 -14.69 -10.39 9.50
N ASP A 274 -14.10 -11.56 9.33
CA ASP A 274 -14.83 -12.70 8.78
C ASP A 274 -14.64 -13.97 9.59
N GLY A 275 -14.07 -13.87 10.79
CA GLY A 275 -13.89 -15.01 11.65
C GLY A 275 -12.61 -15.75 11.35
N THR A 276 -11.97 -15.44 10.23
CA THR A 276 -10.73 -16.13 9.83
C THR A 276 -9.48 -15.23 9.97
N ALA A 277 -8.59 -15.57 10.90
CA ALA A 277 -7.31 -14.88 10.99
C ALA A 277 -6.46 -15.25 9.81
N GLY A 278 -5.86 -14.24 9.18
CA GLY A 278 -4.80 -14.48 8.21
C GLY A 278 -5.27 -14.20 6.78
N ALA A 279 -6.50 -13.71 6.64
CA ALA A 279 -7.14 -13.57 5.35
C ALA A 279 -8.19 -12.53 5.37
N PHE A 280 -8.35 -11.80 4.29
CA PHE A 280 -9.58 -11.02 4.19
C PHE A 280 -10.15 -11.12 2.77
N THR A 281 -11.39 -10.73 2.59
CA THR A 281 -11.97 -10.66 1.29
C THR A 281 -12.71 -9.34 1.24
N LYS A 282 -12.81 -8.78 0.05
CA LYS A 282 -13.49 -7.49 -0.10
C LYS A 282 -13.99 -7.22 -1.50
N SER A 283 -15.27 -6.91 -1.57
CA SER A 283 -15.93 -6.49 -2.80
C SER A 283 -15.65 -5.01 -3.12
N ILE A 284 -15.35 -4.74 -4.36
CA ILE A 284 -14.88 -3.42 -4.76
C ILE A 284 -15.51 -3.15 -6.12
N THR A 285 -16.18 -2.02 -6.25
CA THR A 285 -16.67 -1.60 -7.56
C THR A 285 -15.76 -0.45 -8.09
N LEU A 286 -15.23 -0.60 -9.30
CA LEU A 286 -14.24 0.37 -9.76
C LEU A 286 -14.96 1.66 -10.10
N PRO A 287 -14.47 2.78 -9.55
CA PRO A 287 -15.17 4.05 -9.80
C PRO A 287 -14.84 4.66 -11.17
N LYS A 288 -13.69 4.33 -11.73
CA LYS A 288 -13.19 4.94 -12.97
C LYS A 288 -12.61 3.90 -13.89
N THR A 289 -12.62 4.19 -15.20
CA THR A 289 -11.82 3.44 -16.15
C THR A 289 -10.36 3.83 -16.02
N GLY A 290 -9.50 2.83 -16.12
CA GLY A 290 -8.08 3.03 -16.28
C GLY A 290 -7.20 2.13 -15.40
N TYR A 291 -6.16 2.75 -14.85
CA TYR A 291 -4.98 2.05 -14.28
C TYR A 291 -4.98 2.24 -12.77
N TYR A 292 -4.91 1.12 -12.07
CA TYR A 292 -5.00 0.99 -10.61
C TYR A 292 -3.74 0.46 -10.05
N MET A 293 -3.39 0.95 -8.86
CA MET A 293 -2.16 0.53 -8.20
C MET A 293 -2.53 -0.01 -6.83
N LEU A 294 -2.10 -1.24 -6.59
CA LEU A 294 -2.50 -2.01 -5.40
C LEU A 294 -1.33 -2.27 -4.50
N TYR A 295 -1.48 -1.88 -3.23
CA TYR A 295 -0.47 -2.03 -2.19
C TYR A 295 -1.02 -3.03 -1.14
N VAL A 296 -0.23 -4.01 -0.76
CA VAL A 296 -0.62 -5.03 0.21
C VAL A 296 0.51 -5.15 1.22
N ALA A 297 0.14 -5.24 2.50
CA ALA A 297 1.18 -5.34 3.54
C ALA A 297 0.48 -5.98 4.79
N ASN A 298 1.21 -5.95 5.91
CA ASN A 298 0.84 -6.78 7.07
C ASN A 298 0.64 -5.96 8.33
N VAL A 299 -0.38 -6.38 9.11
CA VAL A 299 -0.62 -5.93 10.52
C VAL A 299 -0.17 -7.02 11.55
N LEU A 300 0.63 -6.61 12.57
CA LEU A 300 1.23 -7.56 13.50
C LEU A 300 0.36 -7.72 14.78
N GLU A 301 0.25 -8.95 15.26
CA GLU A 301 -0.55 -9.22 16.49
C GLU A 301 0.40 -9.45 17.63
N VAL A 302 0.12 -8.84 18.79
CA VAL A 302 1.10 -8.91 19.89
C VAL A 302 0.37 -8.99 21.25
N ASP A 303 1.09 -9.34 22.32
CA ASP A 303 0.51 -9.04 23.69
C ASP A 303 0.48 -7.54 23.98
N ASP A 304 1.65 -6.93 23.78
CA ASP A 304 1.88 -5.52 23.98
C ASP A 304 2.93 -4.97 23.05
N TRP A 305 2.82 -3.70 22.80
CA TRP A 305 3.88 -3.02 22.05
C TRP A 305 4.09 -1.57 22.49
N SER A 306 5.31 -1.09 22.28
CA SER A 306 5.65 0.28 22.65
C SER A 306 6.69 0.95 21.74
N VAL A 307 6.50 2.26 21.53
CA VAL A 307 7.50 3.10 20.83
C VAL A 307 8.19 4.07 21.82
N ASP A 308 9.50 3.89 22.03
CA ASP A 308 10.25 4.69 23.03
C ASP A 308 10.61 6.11 22.53
N ALA A 309 11.28 6.89 23.39
CA ALA A 309 11.52 8.32 23.17
C ALA A 309 12.27 8.56 21.87
N ASP A 310 13.22 7.68 21.60
CA ASP A 310 13.97 7.65 20.35
C ASP A 310 13.27 6.83 19.22
N GLY A 311 11.95 6.63 19.40
CA GLY A 311 11.09 5.94 18.43
C GLY A 311 11.41 4.50 18.03
N LYS A 312 12.14 3.79 18.89
CA LYS A 312 12.38 2.36 18.73
C LYS A 312 11.08 1.57 19.05
N LEU A 313 10.75 0.57 18.22
CA LEU A 313 9.55 -0.23 18.47
C LEU A 313 9.89 -1.44 19.32
N THR A 314 9.10 -1.66 20.36
CA THR A 314 9.27 -2.89 21.17
C THR A 314 7.95 -3.63 21.31
N THR A 315 8.06 -4.95 21.28
CA THR A 315 6.88 -5.83 21.35
C THR A 315 7.08 -6.96 22.34
N THR A 316 5.98 -7.51 22.82
CA THR A 316 6.14 -8.79 23.51
C THR A 316 5.00 -9.72 23.11
N GLY A 317 5.28 -11.00 23.02
CA GLY A 317 4.24 -11.96 22.69
C GLY A 317 3.79 -11.79 21.24
N GLU A 318 4.73 -11.62 20.32
CA GLU A 318 4.40 -11.59 18.86
C GLU A 318 3.81 -12.92 18.40
N VAL A 319 2.72 -12.87 17.64
CA VAL A 319 2.27 -14.00 16.79
C VAL A 319 3.01 -13.89 15.42
N TRP A 320 4.06 -14.71 15.28
CA TRP A 320 4.97 -14.65 14.15
C TRP A 320 5.73 -15.95 14.02
N GLU A 321 5.07 -16.93 13.43
CA GLU A 321 5.62 -18.26 13.27
C GLU A 321 6.11 -18.36 11.87
N VAL A 322 7.09 -17.56 11.51
CA VAL A 322 7.32 -17.39 10.10
C VAL A 322 8.61 -18.11 9.67
N PRO A 323 8.59 -18.79 8.50
CA PRO A 323 9.69 -19.66 8.12
C PRO A 323 10.89 -18.90 7.59
N ALA A 324 12.00 -19.63 7.38
CA ALA A 324 13.20 -19.06 6.78
C ALA A 324 12.87 -18.16 5.56
N LYS A 325 12.06 -18.67 4.65
N LYS A 325 12.02 -18.65 4.67
CA LYS A 325 11.70 -17.91 3.44
C LYS A 325 10.87 -16.62 3.65
N GLY A 326 10.30 -16.42 4.84
CA GLY A 326 9.57 -15.17 5.16
C GLY A 326 8.07 -15.37 5.24
N CYS A 327 7.31 -14.27 5.30
CA CYS A 327 5.80 -14.29 5.30
C CYS A 327 4.96 -14.17 3.99
N TRP A 328 4.52 -15.33 3.49
CA TRP A 328 3.95 -15.43 2.11
C TRP A 328 2.45 -15.40 2.10
N VAL A 329 1.94 -14.54 1.24
CA VAL A 329 0.53 -14.44 1.11
C VAL A 329 0.17 -14.57 -0.38
N ASN A 330 -1.10 -14.72 -0.65
CA ASN A 330 -1.50 -14.90 -2.04
C ASN A 330 -2.53 -13.83 -2.29
N ILE A 331 -2.36 -12.94 -3.29
CA ILE A 331 -3.42 -11.92 -3.62
C ILE A 331 -4.20 -12.45 -4.85
N THR A 332 -5.52 -12.47 -4.80
CA THR A 332 -6.28 -12.91 -5.93
C THR A 332 -7.28 -11.81 -6.14
N ILE A 333 -7.49 -11.44 -7.42
CA ILE A 333 -8.60 -10.57 -7.79
C ILE A 333 -9.51 -11.34 -8.74
N SER A 334 -10.76 -11.50 -8.34
CA SER A 334 -11.63 -12.27 -9.14
C SER A 334 -12.75 -11.39 -9.68
N LYS A 335 -13.29 -11.77 -10.85
CA LYS A 335 -14.55 -11.17 -11.30
C LYS A 335 -15.64 -12.20 -11.63
N PRO A 336 -16.80 -12.07 -10.98
CA PRO A 336 -17.14 -11.16 -9.87
C PRO A 336 -16.36 -11.39 -8.55
#